data_4GLK
#
_entry.id   4GLK
#
_cell.length_a   50.140
_cell.length_b   54.510
_cell.length_c   64.240
_cell.angle_alpha   90.00
_cell.angle_beta   90.00
_cell.angle_gamma   90.00
#
_symmetry.space_group_name_H-M   'P 21 21 21'
#
loop_
_entity.id
_entity.type
_entity.pdbx_description
1 polymer AbiQ
2 non-polymer GLYCEROL
3 water water
#
_entity_poly.entity_id   1
_entity_poly.type   'polypeptide(L)'
_entity_poly.pdbx_seq_one_letter_code
;GTLRFFTVTDEYIAYLRKFESKVHYQYENNASTYVGVVLKKNDFNYFIPLLSYKKGNPEKDKAMKKRSRIVTRLFEIGNI
NNPLGYLLHHNMIPVPDSELIPLPLDLKKPKHKMMQKQLIYMKSISEKIENKSEVVYRKAAHEKDGYYLKFSCDFKLLEA
KATLYSKKSTFQ
;
_entity_poly.pdbx_strand_id   A
#
# COMPACT_ATOMS: atom_id res chain seq x y z
N GLY A 1 -13.25 0.20 -11.66
CA GLY A 1 -11.93 0.81 -11.44
C GLY A 1 -10.80 -0.24 -11.31
N THR A 2 -9.61 0.05 -11.88
CA THR A 2 -8.48 -0.89 -11.95
C THR A 2 -7.25 -0.61 -11.07
N LEU A 3 -6.67 -1.68 -10.51
CA LEU A 3 -5.43 -1.62 -9.72
C LEU A 3 -4.22 -1.31 -10.65
N ARG A 4 -3.34 -0.39 -10.24
CA ARG A 4 -2.17 0.02 -11.00
C ARG A 4 -1.06 0.34 -10.06
N PHE A 5 0.16 0.54 -10.60
CA PHE A 5 1.34 0.92 -9.82
C PHE A 5 1.53 2.41 -9.84
N PHE A 6 1.90 2.94 -8.69
CA PHE A 6 2.13 4.38 -8.57
C PHE A 6 3.28 4.62 -7.65
N THR A 7 3.78 5.86 -7.70
CA THR A 7 4.69 6.40 -6.73
C THR A 7 3.96 7.64 -6.22
N VAL A 8 4.43 8.17 -5.11
CA VAL A 8 3.85 9.35 -4.51
C VAL A 8 4.98 10.39 -4.49
N THR A 9 4.64 11.70 -4.58
CA THR A 9 5.68 12.73 -4.56
C THR A 9 6.42 12.68 -3.21
N ASP A 10 7.75 12.88 -3.23
CA ASP A 10 8.63 12.92 -2.07
C ASP A 10 8.14 14.00 -1.12
N GLU A 11 7.60 15.12 -1.69
CA GLU A 11 7.07 16.26 -0.94
C GLU A 11 5.85 15.89 -0.11
N TYR A 12 4.85 15.23 -0.73
CA TYR A 12 3.65 14.76 -0.03
C TYR A 12 4.01 13.71 1.04
N ILE A 13 4.91 12.76 0.73
CA ILE A 13 5.33 11.73 1.71
C ILE A 13 6.01 12.39 2.91
N ALA A 14 6.95 13.33 2.65
CA ALA A 14 7.67 14.05 3.71
C ALA A 14 6.68 14.81 4.58
N TYR A 15 5.59 15.32 3.98
CA TYR A 15 4.53 16.03 4.68
C TYR A 15 3.71 15.09 5.59
N LEU A 16 3.33 13.88 5.08
CA LEU A 16 2.58 12.93 5.90
C LEU A 16 3.43 12.42 7.06
N ARG A 17 4.75 12.21 6.81
CA ARG A 17 5.69 11.72 7.83
C ARG A 17 5.92 12.72 8.98
N LYS A 18 5.50 13.99 8.81
CA LYS A 18 5.50 15.01 9.88
C LYS A 18 4.55 14.56 11.02
N PHE A 19 3.41 13.94 10.63
CA PHE A 19 2.31 13.52 11.53
C PHE A 19 2.24 12.02 11.78
N GLU A 20 2.65 11.18 10.80
CA GLU A 20 2.64 9.72 10.91
C GLU A 20 3.97 9.09 10.48
N SER A 21 4.81 8.68 11.45
CA SER A 21 6.12 8.04 11.23
C SER A 21 6.01 6.63 10.59
N LYS A 22 4.79 6.05 10.62
CA LYS A 22 4.54 4.72 10.07
C LYS A 22 4.53 4.77 8.54
N VAL A 23 4.29 5.98 7.98
CA VAL A 23 4.27 6.22 6.52
C VAL A 23 5.67 5.85 6.01
N HIS A 24 5.74 5.04 4.96
CA HIS A 24 7.00 4.55 4.40
C HIS A 24 7.93 5.63 3.98
N TYR A 25 9.19 5.52 4.44
CA TYR A 25 10.21 6.48 4.06
C TYR A 25 10.51 6.30 2.59
N GLN A 26 10.70 7.43 1.90
CA GLN A 26 11.14 7.45 0.52
C GLN A 26 11.88 8.74 0.21
N TYR A 27 12.76 8.68 -0.81
CA TYR A 27 13.45 9.81 -1.43
C TYR A 27 14.13 9.37 -2.71
N GLU A 28 13.96 10.14 -3.80
CA GLU A 28 14.54 9.89 -5.13
C GLU A 28 14.59 8.41 -5.55
N ASN A 29 15.69 7.67 -5.21
CA ASN A 29 15.86 6.24 -5.51
C ASN A 29 15.84 5.28 -4.29
N ASN A 30 15.35 5.82 -3.17
CA ASN A 30 15.05 5.11 -1.94
C ASN A 30 13.51 5.27 -2.00
N ALA A 31 12.91 4.92 -3.17
CA ALA A 31 11.49 5.11 -3.51
C ALA A 31 10.55 3.94 -3.23
N SER A 32 9.29 4.24 -2.88
CA SER A 32 8.26 3.27 -2.55
C SER A 32 7.28 3.05 -3.71
N THR A 33 6.94 1.79 -3.97
CA THR A 33 5.93 1.48 -4.98
C THR A 33 4.64 1.22 -4.27
N TYR A 34 3.60 1.89 -4.74
CA TYR A 34 2.27 1.86 -4.19
C TYR A 34 1.35 1.23 -5.21
N VAL A 35 0.24 0.65 -4.74
CA VAL A 35 -0.79 0.07 -5.57
C VAL A 35 -2.12 0.67 -5.12
N GLY A 36 -2.96 0.97 -6.10
CA GLY A 36 -4.28 1.51 -5.83
C GLY A 36 -5.17 1.62 -7.06
N VAL A 37 -6.44 2.02 -6.85
CA VAL A 37 -7.09 2.33 -5.56
C VAL A 37 -7.61 1.03 -4.94
N VAL A 38 -7.28 0.83 -3.68
CA VAL A 38 -7.65 -0.35 -2.92
C VAL A 38 -8.89 -0.07 -2.07
N LEU A 39 -9.13 1.21 -1.78
CA LEU A 39 -10.21 1.66 -0.92
C LEU A 39 -10.52 3.12 -1.26
N LYS A 40 -11.75 3.35 -1.70
CA LYS A 40 -12.25 4.68 -2.03
C LYS A 40 -13.19 4.93 -0.86
N LYS A 41 -12.66 5.56 0.20
CA LYS A 41 -13.44 5.74 1.42
C LYS A 41 -13.49 7.17 1.98
N ASN A 42 -14.22 8.12 1.31
CA ASN A 42 -14.92 7.96 0.03
C ASN A 42 -14.40 8.96 -1.00
N ASP A 43 -14.06 10.18 -0.53
CA ASP A 43 -13.46 11.23 -1.37
C ASP A 43 -11.98 10.89 -1.52
N PHE A 44 -11.46 10.09 -0.57
CA PHE A 44 -10.07 9.67 -0.48
C PHE A 44 -9.79 8.38 -1.19
N ASN A 45 -8.70 8.39 -1.96
CA ASN A 45 -8.19 7.21 -2.64
C ASN A 45 -7.00 6.70 -1.86
N TYR A 46 -7.06 5.43 -1.47
CA TYR A 46 -6.05 4.76 -0.66
C TYR A 46 -5.13 3.90 -1.48
N PHE A 47 -3.85 4.02 -1.19
CA PHE A 47 -2.78 3.30 -1.86
C PHE A 47 -1.94 2.52 -0.85
N ILE A 48 -1.67 1.23 -1.14
CA ILE A 48 -0.89 0.33 -0.30
C ILE A 48 0.57 0.25 -0.78
N PRO A 49 1.56 0.39 0.11
CA PRO A 49 2.94 0.18 -0.32
C PRO A 49 3.19 -1.32 -0.51
N LEU A 50 3.96 -1.67 -1.52
CA LEU A 50 4.29 -3.04 -1.89
C LEU A 50 5.77 -3.28 -1.59
N LEU A 51 6.08 -4.41 -0.92
CA LEU A 51 7.46 -4.84 -0.65
C LEU A 51 7.73 -6.13 -1.44
N SER A 52 8.85 -6.19 -2.19
CA SER A 52 9.21 -7.39 -2.95
C SER A 52 9.72 -8.52 -2.05
N TYR A 53 9.50 -9.78 -2.45
CA TYR A 53 9.96 -10.96 -1.70
C TYR A 53 11.48 -11.12 -1.78
N ASN A 57 15.10 -12.45 4.76
CA ASN A 57 14.96 -13.80 4.27
C ASN A 57 14.09 -14.55 5.22
N PRO A 58 14.41 -15.88 5.47
CA PRO A 58 13.56 -16.53 6.48
C PRO A 58 13.12 -15.75 7.73
N GLU A 59 13.79 -14.63 7.99
CA GLU A 59 13.47 -13.77 9.12
C GLU A 59 12.12 -13.15 8.84
N LYS A 60 12.19 -12.36 7.80
CA LYS A 60 11.18 -11.47 7.31
C LYS A 60 9.91 -12.19 6.89
N ASP A 61 10.09 -13.15 5.99
CA ASP A 61 9.02 -13.98 5.46
C ASP A 61 8.17 -14.58 6.57
N LYS A 62 8.79 -14.85 7.72
CA LYS A 62 8.12 -15.44 8.88
C LYS A 62 7.34 -14.41 9.66
N ALA A 63 7.91 -13.21 9.80
CA ALA A 63 7.29 -12.08 10.45
C ALA A 63 6.02 -11.64 9.70
N MET A 64 6.05 -11.69 8.37
CA MET A 64 4.96 -11.30 7.48
C MET A 64 3.80 -12.28 7.56
N LYS A 65 4.11 -13.58 7.70
CA LYS A 65 3.15 -14.68 7.82
C LYS A 65 2.37 -14.52 9.12
N LYS A 66 3.03 -14.04 10.18
CA LYS A 66 2.42 -13.84 11.50
C LYS A 66 1.49 -12.62 11.48
N ARG A 67 1.67 -11.71 10.50
CA ARG A 67 0.81 -10.55 10.38
C ARG A 67 -0.20 -10.63 9.22
N SER A 68 -0.77 -11.83 9.00
CA SER A 68 -1.77 -12.07 7.96
C SER A 68 -3.05 -11.20 8.05
N ARG A 69 -3.33 -10.58 9.23
CA ARG A 69 -4.48 -9.66 9.39
C ARG A 69 -4.23 -8.29 8.72
N ILE A 70 -2.98 -8.00 8.40
CA ILE A 70 -2.51 -6.70 7.95
C ILE A 70 -1.67 -6.71 6.68
N VAL A 71 -1.13 -7.87 6.32
CA VAL A 71 -0.27 -8.03 5.16
C VAL A 71 -0.88 -9.07 4.22
N THR A 72 -0.95 -8.76 2.91
CA THR A 72 -1.37 -9.72 1.89
C THR A 72 -0.10 -10.20 1.17
N ARG A 73 0.04 -11.51 1.08
CA ARG A 73 1.15 -12.17 0.39
C ARG A 73 0.84 -12.31 -1.10
N LEU A 74 1.77 -11.90 -1.94
CA LEU A 74 1.57 -11.93 -3.40
C LEU A 74 2.21 -13.17 -3.94
N PHE A 75 1.56 -13.81 -4.91
CA PHE A 75 2.04 -15.03 -5.53
C PHE A 75 2.02 -14.87 -7.04
N GLU A 76 2.54 -15.88 -7.75
CA GLU A 76 2.59 -15.84 -9.20
C GLU A 76 1.45 -16.67 -9.76
N ILE A 77 0.62 -16.11 -10.64
CA ILE A 77 -0.46 -16.91 -11.25
C ILE A 77 0.15 -17.92 -12.23
N GLY A 78 -0.26 -19.17 -12.12
CA GLY A 78 0.33 -20.25 -12.92
C GLY A 78 1.61 -20.80 -12.33
N ASN A 79 1.93 -20.39 -11.09
CA ASN A 79 3.07 -20.81 -10.29
C ASN A 79 2.80 -20.30 -8.89
N ILE A 80 1.61 -20.65 -8.37
CA ILE A 80 0.97 -20.15 -7.14
C ILE A 80 1.75 -20.33 -5.84
N ASN A 81 2.72 -21.26 -5.82
CA ASN A 81 3.55 -21.50 -4.66
C ASN A 81 4.84 -20.69 -4.63
N ASN A 82 5.04 -19.85 -5.65
CA ASN A 82 6.21 -18.96 -5.73
C ASN A 82 5.81 -17.54 -5.20
N PRO A 83 6.27 -17.15 -3.99
CA PRO A 83 5.91 -15.82 -3.45
C PRO A 83 6.64 -14.69 -4.17
N LEU A 84 5.95 -13.57 -4.40
CA LEU A 84 6.46 -12.43 -5.17
C LEU A 84 6.65 -11.15 -4.37
N GLY A 85 5.91 -11.02 -3.26
CA GLY A 85 5.98 -9.83 -2.42
C GLY A 85 4.88 -9.70 -1.39
N TYR A 86 4.73 -8.50 -0.80
CA TYR A 86 3.76 -8.22 0.27
C TYR A 86 3.12 -6.87 0.15
N LEU A 87 1.81 -6.83 0.41
CA LEU A 87 1.04 -5.62 0.50
C LEU A 87 0.88 -5.32 1.96
N LEU A 88 1.26 -4.13 2.36
CA LEU A 88 1.21 -3.72 3.76
C LEU A 88 0.01 -2.81 4.01
N HIS A 89 -1.21 -3.40 4.11
CA HIS A 89 -2.49 -2.70 4.35
C HIS A 89 -2.44 -1.70 5.51
N HIS A 90 -1.73 -2.08 6.59
CA HIS A 90 -1.55 -1.24 7.78
C HIS A 90 -0.80 0.05 7.50
N ASN A 91 -0.07 0.12 6.38
CA ASN A 91 0.69 1.32 5.98
C ASN A 91 0.09 2.01 4.75
N MET A 92 -1.16 1.70 4.43
CA MET A 92 -1.83 2.36 3.31
C MET A 92 -2.08 3.84 3.67
N ILE A 93 -2.17 4.70 2.64
CA ILE A 93 -2.33 6.13 2.84
C ILE A 93 -3.31 6.75 1.87
N PRO A 94 -3.97 7.85 2.30
CA PRO A 94 -4.80 8.61 1.35
C PRO A 94 -3.88 9.53 0.54
N VAL A 95 -4.04 9.54 -0.78
CA VAL A 95 -3.19 10.36 -1.64
C VAL A 95 -4.06 11.27 -2.52
N PRO A 96 -3.88 12.61 -2.44
CA PRO A 96 -4.65 13.50 -3.34
C PRO A 96 -4.22 13.24 -4.78
N ASP A 97 -5.14 13.44 -5.74
CA ASP A 97 -4.89 13.24 -7.16
C ASP A 97 -3.56 13.85 -7.67
N SER A 98 -3.21 15.06 -7.19
CA SER A 98 -2.02 15.80 -7.60
C SER A 98 -0.68 15.18 -7.24
N GLU A 99 -0.65 14.35 -6.17
CA GLU A 99 0.58 13.75 -5.65
C GLU A 99 0.82 12.33 -6.13
N LEU A 100 -0.12 11.79 -6.91
CA LEU A 100 -0.06 10.44 -7.45
C LEU A 100 0.74 10.41 -8.76
N ILE A 101 1.76 9.53 -8.85
CA ILE A 101 2.59 9.48 -10.05
C ILE A 101 2.54 8.09 -10.65
N PRO A 102 1.92 7.91 -11.83
CA PRO A 102 1.89 6.57 -12.43
C PRO A 102 3.29 5.99 -12.62
N LEU A 103 3.46 4.70 -12.37
CA LEU A 103 4.79 4.10 -12.49
C LEU A 103 5.02 3.36 -13.80
N PRO A 104 5.89 3.88 -14.67
CA PRO A 104 6.17 3.19 -15.94
C PRO A 104 7.10 2.00 -15.72
N LEU A 105 6.76 0.87 -16.36
CA LEU A 105 7.57 -0.33 -16.26
C LEU A 105 8.26 -0.59 -17.56
N ASP A 106 9.54 -0.92 -17.47
CA ASP A 106 10.36 -1.32 -18.60
C ASP A 106 10.46 -2.85 -18.46
N LEU A 107 9.63 -3.58 -19.22
CA LEU A 107 9.58 -5.04 -19.17
C LEU A 107 10.87 -5.77 -19.59
N LYS A 108 11.87 -5.00 -20.08
CA LYS A 108 13.18 -5.53 -20.45
C LYS A 108 13.93 -5.86 -19.14
N LYS A 109 13.63 -5.11 -18.05
CA LYS A 109 14.21 -5.30 -16.71
C LYS A 109 13.48 -6.47 -16.01
N PRO A 110 14.22 -7.47 -15.45
CA PRO A 110 13.57 -8.59 -14.75
C PRO A 110 12.81 -8.16 -13.49
N LYS A 111 13.25 -7.04 -12.88
CA LYS A 111 12.67 -6.38 -11.72
C LYS A 111 11.21 -5.98 -12.05
N HIS A 112 11.03 -5.31 -13.19
CA HIS A 112 9.74 -4.82 -13.68
C HIS A 112 8.89 -5.95 -14.23
N LYS A 113 9.53 -7.00 -14.78
CA LYS A 113 8.88 -8.21 -15.31
C LYS A 113 8.17 -8.95 -14.15
N MET A 114 8.76 -8.91 -12.95
CA MET A 114 8.23 -9.50 -11.72
C MET A 114 7.11 -8.59 -11.19
N MET A 115 7.26 -7.25 -11.32
CA MET A 115 6.21 -6.31 -10.91
C MET A 115 4.95 -6.58 -11.71
N GLN A 116 5.09 -6.81 -13.04
CA GLN A 116 3.98 -7.11 -13.94
C GLN A 116 3.20 -8.32 -13.38
N LYS A 117 3.94 -9.38 -12.99
CA LYS A 117 3.42 -10.63 -12.42
C LYS A 117 2.69 -10.36 -11.10
N GLN A 118 3.24 -9.48 -10.24
CA GLN A 118 2.61 -9.08 -8.98
C GLN A 118 1.24 -8.41 -9.24
N LEU A 119 1.17 -7.50 -10.24
CA LEU A 119 -0.06 -6.79 -10.62
C LEU A 119 -1.09 -7.75 -11.19
N ILE A 120 -0.69 -8.69 -12.10
CA ILE A 120 -1.68 -9.66 -12.60
C ILE A 120 -2.31 -10.45 -11.43
N TYR A 121 -1.48 -10.83 -10.42
CA TYR A 121 -1.96 -11.55 -9.25
C TYR A 121 -2.91 -10.67 -8.44
N MET A 122 -2.51 -9.44 -8.16
CA MET A 122 -3.29 -8.46 -7.40
C MET A 122 -4.66 -8.20 -8.04
N LYS A 123 -4.69 -8.07 -9.37
CA LYS A 123 -5.95 -7.88 -10.13
C LYS A 123 -6.88 -9.08 -9.96
N SER A 124 -6.32 -10.32 -9.96
CA SER A 124 -7.10 -11.55 -9.75
C SER A 124 -7.67 -11.66 -8.33
N ILE A 125 -7.02 -11.00 -7.34
CA ILE A 125 -7.47 -11.00 -5.94
C ILE A 125 -7.91 -9.58 -5.48
N SER A 126 -8.41 -8.74 -6.41
CA SER A 126 -8.81 -7.36 -6.10
C SER A 126 -9.92 -7.24 -5.07
N GLU A 127 -10.89 -8.19 -5.05
CA GLU A 127 -11.97 -8.22 -4.05
C GLU A 127 -11.40 -8.43 -2.61
N LYS A 128 -10.43 -9.34 -2.49
CA LYS A 128 -9.77 -9.62 -1.21
C LYS A 128 -8.98 -8.40 -0.80
N ILE A 129 -8.26 -7.76 -1.75
CA ILE A 129 -7.46 -6.55 -1.48
C ILE A 129 -8.36 -5.46 -0.96
N GLU A 130 -9.46 -5.20 -1.67
CA GLU A 130 -10.43 -4.16 -1.32
C GLU A 130 -11.05 -4.43 0.06
N ASN A 131 -11.47 -5.68 0.32
CA ASN A 131 -12.08 -6.09 1.60
C ASN A 131 -11.15 -6.10 2.78
N LYS A 132 -9.91 -6.55 2.60
CA LYS A 132 -8.94 -6.51 3.69
C LYS A 132 -8.54 -5.09 4.06
N SER A 133 -8.48 -4.16 3.08
CA SER A 133 -8.19 -2.76 3.35
C SER A 133 -9.30 -2.15 4.20
N GLU A 134 -10.56 -2.51 3.90
CA GLU A 134 -11.76 -2.10 4.62
C GLU A 134 -11.72 -2.62 6.04
N VAL A 135 -11.41 -3.94 6.24
CA VAL A 135 -11.28 -4.53 7.57
C VAL A 135 -10.20 -3.73 8.36
N VAL A 136 -9.03 -3.55 7.79
CA VAL A 136 -7.92 -2.82 8.45
C VAL A 136 -8.37 -1.38 8.82
N TYR A 137 -9.03 -0.69 7.88
CA TYR A 137 -9.52 0.69 8.08
C TYR A 137 -10.50 0.77 9.25
N ARG A 138 -11.54 -0.07 9.25
CA ARG A 138 -12.57 -0.08 10.28
C ARG A 138 -12.03 -0.49 11.65
N LYS A 139 -11.23 -1.57 11.70
CA LYS A 139 -10.65 -2.06 12.97
C LYS A 139 -9.74 -1.02 13.61
N ALA A 140 -8.92 -0.31 12.81
CA ALA A 140 -8.02 0.72 13.35
C ALA A 140 -8.66 2.08 13.66
N ALA A 141 -9.49 2.58 12.74
CA ALA A 141 -10.10 3.90 12.84
C ALA A 141 -11.46 3.99 13.48
N HIS A 142 -12.30 2.95 13.38
CA HIS A 142 -13.64 2.97 13.93
C HIS A 142 -13.81 2.13 15.20
N GLU A 143 -13.31 0.89 15.17
CA GLU A 143 -13.40 -0.06 16.27
C GLU A 143 -12.33 0.22 17.31
N LYS A 144 -11.18 0.75 16.87
CA LYS A 144 -10.03 1.04 17.74
C LYS A 144 -9.49 -0.26 18.39
N ASP A 145 -9.57 -1.38 17.64
CA ASP A 145 -9.06 -2.73 18.00
C ASP A 145 -7.57 -2.63 18.22
N GLY A 146 -7.13 -3.16 19.35
CA GLY A 146 -5.76 -3.16 19.84
C GLY A 146 -4.69 -3.50 18.83
N TYR A 147 -4.79 -4.67 18.20
CA TYR A 147 -3.80 -5.15 17.24
C TYR A 147 -3.66 -4.25 16.01
N TYR A 148 -4.79 -3.86 15.43
CA TYR A 148 -4.82 -3.04 14.24
C TYR A 148 -4.38 -1.60 14.48
N LEU A 149 -4.85 -0.96 15.58
CA LEU A 149 -4.53 0.43 15.95
C LEU A 149 -3.05 0.64 16.07
N LYS A 150 -2.35 -0.27 16.78
CA LYS A 150 -0.91 -0.21 17.04
C LYS A 150 -0.02 -0.39 15.80
N PHE A 151 -0.46 -1.18 14.82
CA PHE A 151 0.28 -1.43 13.57
C PHE A 151 -0.06 -0.48 12.46
N SER A 152 -1.23 0.05 12.48
CA SER A 152 -1.62 0.88 11.36
C SER A 152 -1.45 2.35 11.52
N CYS A 153 -1.39 3.04 10.38
CA CYS A 153 -1.29 4.49 10.25
C CYS A 153 -2.54 5.05 10.92
N ASP A 154 -2.45 6.27 11.44
CA ASP A 154 -3.63 6.91 12.01
C ASP A 154 -4.36 7.45 10.76
N PHE A 155 -5.21 6.58 10.13
CA PHE A 155 -5.92 6.86 8.89
C PHE A 155 -6.69 8.17 8.83
N LYS A 156 -7.45 8.48 9.89
CA LYS A 156 -8.24 9.71 9.99
C LYS A 156 -7.43 10.99 10.06
N LEU A 157 -6.33 10.98 10.80
CA LEU A 157 -5.40 12.11 10.90
C LEU A 157 -4.79 12.37 9.50
N LEU A 158 -4.42 11.29 8.78
CA LEU A 158 -3.86 11.38 7.43
C LEU A 158 -4.86 11.98 6.46
N GLU A 159 -6.14 11.60 6.58
CA GLU A 159 -7.24 12.14 5.79
C GLU A 159 -7.42 13.63 6.04
N ALA A 160 -7.35 14.08 7.31
CA ALA A 160 -7.44 15.49 7.70
C ALA A 160 -6.28 16.27 7.13
N LYS A 161 -5.08 15.69 7.16
CA LYS A 161 -3.91 16.35 6.60
C LYS A 161 -3.80 16.27 5.06
N ALA A 162 -4.43 15.26 4.42
CA ALA A 162 -4.47 15.13 2.96
C ALA A 162 -5.31 16.25 2.35
N THR A 163 -6.47 16.57 2.95
CA THR A 163 -7.34 17.63 2.43
C THR A 163 -6.68 19.00 2.60
N LEU A 164 -5.92 19.16 3.71
CA LEU A 164 -5.15 20.37 4.06
C LEU A 164 -4.04 20.61 3.06
N TYR A 165 -3.39 19.55 2.63
CA TYR A 165 -2.34 19.64 1.68
C TYR A 165 -2.92 20.16 0.41
N SER A 166 -4.02 19.59 -0.03
CA SER A 166 -4.55 19.93 -1.34
C SER A 166 -5.36 21.22 -1.40
N LYS A 167 -5.68 21.79 -0.26
CA LYS A 167 -6.33 23.09 -0.20
C LYS A 167 -5.24 24.15 -0.13
N LYS A 168 -4.01 23.74 -0.05
CA LYS A 168 -2.91 24.73 0.04
C LYS A 168 -2.94 25.88 -0.99
#